data_3V68
#
_entry.id   3V68
#
_cell.length_a   41.722
_cell.length_b   66.531
_cell.length_c   46.372
_cell.angle_alpha   90.00
_cell.angle_beta   96.56
_cell.angle_gamma   90.00
#
_symmetry.space_group_name_H-M   'P 1 21 1'
#
loop_
_entity.id
_entity.type
_entity.pdbx_description
1 polymer 'Putative uncharacterized protein'
2 non-polymer (4S)-2-METHYL-2,4-PENTANEDIOL
3 water water
#
_entity_poly.entity_id   1
_entity_poly.type   'polypeptide(L)'
_entity_poly.pdbx_seq_one_letter_code
;MIERILEFTAKHEEWIVGENVEDFTNENIAMFLSRVSNTVSSKIPGYLGEKIDVNGLLSIKIEGSLEEKLKALISPKVSR
QIGRLVMEDDKKLKKLLVEVAKAVLTREILKNELPIEFPGGKIEGLKIQPRYEEDHINFTARYGSWIVVKRMIIDEKTPL
LDIARLLASINETAVNKIKDFADVDDKKIVEYFGGFKKVKKEEEIKEIVQLFREFKGNEFEVRYAAREMLSKLGLKVDVP
SKNLEKYLEKAG
;
_entity_poly.pdbx_strand_id   A
#
loop_
_chem_comp.id
_chem_comp.type
_chem_comp.name
_chem_comp.formula
MPD non-polymer (4S)-2-METHYL-2,4-PENTANEDIOL 'C6 H14 O2'
#
# COMPACT_ATOMS: atom_id res chain seq x y z
N ILE A 2 -15.51 1.55 -22.37
CA ILE A 2 -14.26 1.62 -23.20
C ILE A 2 -13.75 0.21 -23.51
N GLU A 3 -12.94 0.09 -24.56
CA GLU A 3 -12.41 -1.22 -24.96
C GLU A 3 -11.26 -1.66 -24.07
N ARG A 4 -10.86 -2.93 -24.23
CA ARG A 4 -9.81 -3.54 -23.41
C ARG A 4 -8.54 -2.71 -23.32
N ILE A 5 -8.11 -2.47 -22.08
CA ILE A 5 -6.94 -1.64 -21.80
C ILE A 5 -6.48 -1.92 -20.37
N LEU A 6 -5.17 -1.88 -20.17
CA LEU A 6 -4.62 -1.96 -18.83
C LEU A 6 -3.35 -1.15 -18.81
N GLU A 7 -3.42 0.04 -18.22
CA GLU A 7 -2.29 0.97 -18.26
C GLU A 7 -2.15 1.82 -17.02
N PHE A 8 -0.90 2.16 -16.72
CA PHE A 8 -0.56 3.12 -15.69
C PHE A 8 0.49 4.07 -16.23
N THR A 9 0.22 5.37 -16.15
CA THR A 9 1.24 6.37 -16.41
C THR A 9 1.20 7.44 -15.32
N ALA A 10 2.35 8.03 -15.05
CA ALA A 10 2.46 9.14 -14.11
C ALA A 10 3.46 10.14 -14.66
N LYS A 11 3.15 11.41 -14.50
CA LYS A 11 4.02 12.50 -14.89
C LYS A 11 3.84 13.63 -13.89
N HIS A 12 4.86 13.87 -13.08
CA HIS A 12 4.82 14.96 -12.11
C HIS A 12 6.23 15.35 -11.70
N GLU A 13 6.59 16.60 -11.95
CA GLU A 13 7.97 17.07 -11.81
C GLU A 13 8.88 16.13 -12.64
N GLU A 14 9.85 15.50 -11.99
CA GLU A 14 10.80 14.62 -12.66
C GLU A 14 10.40 13.13 -12.66
N TRP A 15 9.27 12.82 -12.01
CA TRP A 15 8.74 11.47 -12.01
C TRP A 15 7.88 11.25 -13.25
N ILE A 16 8.41 10.47 -14.19
CA ILE A 16 7.72 10.16 -15.45
C ILE A 16 7.89 8.68 -15.79
N VAL A 17 6.82 7.92 -15.59
CA VAL A 17 6.85 6.47 -15.85
C VAL A 17 5.57 6.01 -16.55
N GLY A 18 5.65 4.85 -17.19
CA GLY A 18 4.50 4.31 -17.91
C GLY A 18 4.65 2.83 -18.19
N GLU A 19 3.56 2.09 -17.99
CA GLU A 19 3.54 0.67 -18.28
C GLU A 19 2.13 0.24 -18.67
N ASN A 20 2.04 -0.76 -19.54
CA ASN A 20 0.75 -1.34 -19.90
C ASN A 20 0.89 -2.84 -20.10
N VAL A 21 -0.26 -3.50 -20.26
CA VAL A 21 -0.30 -4.90 -20.65
C VAL A 21 -0.84 -4.96 -22.07
N GLU A 22 -0.21 -5.79 -22.89
CA GLU A 22 -0.67 -6.01 -24.26
C GLU A 22 -0.96 -7.49 -24.51
N ASP A 23 -0.30 -8.36 -23.73
CA ASP A 23 -0.54 -9.79 -23.78
C ASP A 23 -1.31 -10.16 -22.51
N PHE A 24 -2.63 -10.31 -22.65
CA PHE A 24 -3.53 -10.40 -21.50
C PHE A 24 -3.69 -11.81 -20.93
N THR A 25 -2.66 -12.26 -20.22
CA THR A 25 -2.71 -13.48 -19.43
C THR A 25 -2.87 -13.09 -17.96
N ASN A 26 -3.38 -14.00 -17.14
CA ASN A 26 -3.47 -13.76 -15.71
C ASN A 26 -2.12 -13.43 -15.09
N GLU A 27 -1.06 -14.13 -15.53
CA GLU A 27 0.29 -13.86 -15.05
C GLU A 27 0.71 -12.41 -15.34
N ASN A 28 0.52 -11.95 -16.57
CA ASN A 28 0.92 -10.60 -16.96
C ASN A 28 0.09 -9.53 -16.25
N ILE A 29 -1.20 -9.80 -16.07
CA ILE A 29 -2.08 -8.86 -15.39
C ILE A 29 -1.68 -8.75 -13.91
N ALA A 30 -1.47 -9.89 -13.27
CA ALA A 30 -1.07 -9.89 -11.86
C ALA A 30 0.28 -9.22 -11.65
N MET A 31 1.22 -9.43 -12.57
N MET A 31 1.22 -9.43 -12.57
CA MET A 31 2.53 -8.80 -12.48
CA MET A 31 2.54 -8.79 -12.48
C MET A 31 2.46 -7.29 -12.71
C MET A 31 2.44 -7.28 -12.68
N PHE A 32 1.59 -6.86 -13.63
CA PHE A 32 1.35 -5.44 -13.87
C PHE A 32 0.77 -4.78 -12.60
N LEU A 33 -0.25 -5.39 -12.03
CA LEU A 33 -0.89 -4.83 -10.84
C LEU A 33 0.06 -4.81 -9.63
N SER A 34 0.90 -5.84 -9.56
CA SER A 34 1.94 -5.94 -8.53
C SER A 34 2.90 -4.76 -8.64
N ARG A 35 3.38 -4.51 -9.84
CA ARG A 35 4.29 -3.40 -10.10
C ARG A 35 3.63 -2.04 -9.87
N VAL A 36 2.36 -1.90 -10.26
CA VAL A 36 1.63 -0.67 -9.98
C VAL A 36 1.53 -0.43 -8.46
N SER A 37 1.14 -1.48 -7.72
CA SER A 37 1.05 -1.39 -6.26
C SER A 37 2.38 -0.95 -5.65
N ASN A 38 3.47 -1.61 -6.04
CA ASN A 38 4.79 -1.28 -5.51
C ASN A 38 5.18 0.17 -5.82
N THR A 39 4.86 0.58 -7.04
CA THR A 39 5.23 1.92 -7.54
C THR A 39 4.46 3.02 -6.82
N VAL A 40 3.13 2.92 -6.80
CA VAL A 40 2.34 3.98 -6.18
C VAL A 40 2.56 4.05 -4.67
N SER A 41 2.75 2.89 -4.04
CA SER A 41 2.98 2.85 -2.59
C SER A 41 4.30 3.55 -2.23
N SER A 42 5.30 3.39 -3.09
CA SER A 42 6.61 4.01 -2.86
C SER A 42 6.57 5.54 -2.96
N LYS A 43 5.60 6.04 -3.73
CA LYS A 43 5.48 7.48 -4.00
C LYS A 43 4.54 8.23 -3.06
N ILE A 44 3.64 7.51 -2.39
CA ILE A 44 2.67 8.15 -1.50
C ILE A 44 3.32 9.08 -0.46
N PRO A 45 4.38 8.63 0.23
CA PRO A 45 4.96 9.47 1.29
C PRO A 45 5.41 10.85 0.82
N GLY A 46 5.88 10.96 -0.42
CA GLY A 46 6.29 12.24 -0.99
C GLY A 46 5.16 13.23 -1.22
N TYR A 47 3.92 12.75 -1.05
CA TYR A 47 2.72 13.58 -1.24
C TYR A 47 1.98 13.84 0.07
N LEU A 48 2.60 13.46 1.19
CA LEU A 48 1.96 13.62 2.50
C LEU A 48 2.50 14.80 3.30
N GLY A 49 3.48 15.50 2.73
CA GLY A 49 4.25 16.53 3.44
C GLY A 49 3.50 17.75 3.96
N GLU A 50 2.32 18.02 3.42
CA GLU A 50 1.48 19.13 3.89
C GLU A 50 0.95 18.87 5.30
N LYS A 51 0.77 17.59 5.63
CA LYS A 51 0.11 17.19 6.88
C LYS A 51 0.95 16.29 7.79
N ILE A 52 1.98 15.66 7.22
CA ILE A 52 2.84 14.74 7.96
C ILE A 52 4.31 15.07 7.68
N ASP A 53 5.10 15.15 8.74
CA ASP A 53 6.54 15.34 8.61
C ASP A 53 7.14 14.00 8.22
N VAL A 54 7.21 13.73 6.92
CA VAL A 54 7.62 12.42 6.41
C VAL A 54 9.10 12.11 6.68
N ASN A 55 9.96 13.12 6.56
CA ASN A 55 11.36 12.93 6.89
C ASN A 55 11.54 12.44 8.33
N GLY A 56 10.83 13.09 9.25
CA GLY A 56 10.82 12.68 10.65
C GLY A 56 10.23 11.28 10.83
N LEU A 57 9.15 11.00 10.11
CA LEU A 57 8.47 9.71 10.21
C LEU A 57 9.39 8.54 9.83
N LEU A 58 10.05 8.67 8.69
CA LEU A 58 10.93 7.61 8.19
C LEU A 58 12.28 7.56 8.92
N SER A 59 12.50 8.53 9.81
CA SER A 59 13.70 8.55 10.66
C SER A 59 13.48 7.87 12.01
N ILE A 60 12.25 7.44 12.28
CA ILE A 60 11.92 6.72 13.52
C ILE A 60 12.66 5.38 13.53
N LYS A 61 13.35 5.11 14.64
CA LYS A 61 14.13 3.89 14.77
C LYS A 61 13.33 2.76 15.40
N ILE A 62 13.21 1.67 14.64
CA ILE A 62 12.53 0.46 15.10
C ILE A 62 13.57 -0.66 15.06
N GLU A 63 14.06 -1.04 16.24
CA GLU A 63 15.19 -1.96 16.37
C GLU A 63 14.77 -3.40 16.62
N GLY A 64 15.65 -4.33 16.24
CA GLY A 64 15.54 -5.73 16.64
C GLY A 64 15.07 -6.71 15.59
N SER A 65 14.70 -7.89 16.05
CA SER A 65 14.14 -8.93 15.18
C SER A 65 12.79 -8.48 14.66
N LEU A 66 12.21 -9.23 13.73
CA LEU A 66 10.86 -8.96 13.24
C LEU A 66 9.86 -8.85 14.40
N GLU A 67 9.90 -9.82 15.31
CA GLU A 67 8.97 -9.84 16.44
C GLU A 67 9.10 -8.59 17.31
N GLU A 68 10.34 -8.13 17.51
CA GLU A 68 10.59 -6.92 18.27
C GLU A 68 10.10 -5.67 17.53
N LYS A 69 10.28 -5.67 16.22
CA LYS A 69 9.81 -4.56 15.38
C LYS A 69 8.29 -4.46 15.42
N LEU A 70 7.60 -5.59 15.34
CA LEU A 70 6.14 -5.64 15.42
C LEU A 70 5.64 -5.10 16.76
N LYS A 71 6.27 -5.53 17.86
CA LYS A 71 5.93 -5.01 19.17
C LYS A 71 6.14 -3.49 19.25
N ALA A 72 7.21 -3.00 18.63
CA ALA A 72 7.48 -1.57 18.61
C ALA A 72 6.42 -0.82 17.82
N LEU A 73 6.03 -1.36 16.67
CA LEU A 73 5.07 -0.68 15.80
C LEU A 73 3.67 -0.50 16.42
N ILE A 74 3.30 -1.40 17.33
CA ILE A 74 2.00 -1.34 18.00
C ILE A 74 2.07 -0.62 19.36
N SER A 75 3.27 -0.18 19.75
CA SER A 75 3.52 0.39 21.07
C SER A 75 2.96 1.80 21.23
N PRO A 76 2.56 2.17 22.47
CA PRO A 76 2.15 3.54 22.76
C PRO A 76 3.24 4.56 22.47
N LYS A 77 4.50 4.19 22.75
CA LYS A 77 5.66 5.04 22.49
C LYS A 77 5.73 5.46 21.02
N VAL A 78 5.59 4.49 20.11
CA VAL A 78 5.67 4.79 18.69
C VAL A 78 4.45 5.57 18.21
N SER A 79 3.27 5.22 18.75
CA SER A 79 2.06 5.97 18.41
C SER A 79 2.20 7.45 18.79
N ARG A 80 2.79 7.70 19.96
CA ARG A 80 3.06 9.07 20.41
C ARG A 80 4.08 9.77 19.49
N GLN A 81 5.12 9.05 19.10
CA GLN A 81 6.12 9.57 18.15
C GLN A 81 5.48 9.96 16.82
N ILE A 82 4.60 9.11 16.30
CA ILE A 82 3.90 9.38 15.05
C ILE A 82 2.99 10.60 15.18
N GLY A 83 2.24 10.66 16.29
CA GLY A 83 1.33 11.78 16.55
C GLY A 83 2.03 13.12 16.52
N ARG A 84 3.25 13.15 17.06
CA ARG A 84 4.05 14.37 17.07
C ARG A 84 4.50 14.85 15.70
N LEU A 85 4.40 13.95 14.71
CA LEU A 85 4.82 14.27 13.35
C LEU A 85 3.63 14.66 12.46
N VAL A 86 2.44 14.67 13.04
CA VAL A 86 1.22 15.01 12.30
C VAL A 86 0.81 16.45 12.59
N MET A 87 0.77 17.26 11.54
CA MET A 87 0.42 18.68 11.66
C MET A 87 -1.09 18.88 11.58
N GLU A 88 -1.77 18.52 12.67
CA GLU A 88 -3.21 18.65 12.76
C GLU A 88 -3.61 18.82 14.21
N ASP A 89 -4.53 19.77 14.45
CA ASP A 89 -5.01 20.08 15.79
C ASP A 89 -6.33 19.39 16.09
N ASP A 90 -7.17 19.21 15.07
CA ASP A 90 -8.47 18.57 15.24
C ASP A 90 -8.29 17.10 15.59
N LYS A 91 -8.87 16.70 16.73
CA LYS A 91 -8.69 15.36 17.29
C LYS A 91 -9.10 14.25 16.32
N LYS A 92 -10.25 14.45 15.67
CA LYS A 92 -10.81 13.48 14.74
C LYS A 92 -9.95 13.34 13.47
N LEU A 93 -9.58 14.48 12.89
CA LEU A 93 -8.76 14.48 11.68
C LEU A 93 -7.34 13.99 11.94
N LYS A 94 -6.80 14.32 13.11
CA LYS A 94 -5.46 13.86 13.51
C LYS A 94 -5.39 12.33 13.55
N LYS A 95 -6.43 11.71 14.12
CA LYS A 95 -6.51 10.25 14.20
C LYS A 95 -6.43 9.61 12.82
N LEU A 96 -7.14 10.21 11.85
CA LEU A 96 -7.14 9.72 10.47
C LEU A 96 -5.74 9.77 9.86
N LEU A 97 -5.03 10.87 10.10
CA LEU A 97 -3.69 11.07 9.55
C LEU A 97 -2.63 10.22 10.24
N VAL A 98 -2.79 10.03 11.56
CA VAL A 98 -1.90 9.12 12.31
C VAL A 98 -1.94 7.70 11.76
N GLU A 99 -3.14 7.22 11.42
CA GLU A 99 -3.27 5.89 10.84
C GLU A 99 -2.57 5.78 9.48
N VAL A 100 -2.69 6.83 8.67
CA VAL A 100 -1.99 6.91 7.39
C VAL A 100 -0.47 6.87 7.59
N ALA A 101 0.04 7.72 8.49
CA ALA A 101 1.47 7.77 8.80
C ALA A 101 1.97 6.42 9.31
N LYS A 102 1.18 5.78 10.16
CA LYS A 102 1.50 4.46 10.70
C LYS A 102 1.63 3.41 9.59
N ALA A 103 0.74 3.47 8.60
CA ALA A 103 0.79 2.55 7.46
C ALA A 103 2.05 2.75 6.61
N VAL A 104 2.45 4.01 6.46
CA VAL A 104 3.68 4.35 5.72
C VAL A 104 4.89 3.79 6.45
N LEU A 105 4.95 4.05 7.76
CA LEU A 105 6.04 3.56 8.59
C LEU A 105 6.11 2.04 8.61
N THR A 106 4.95 1.40 8.79
CA THR A 106 4.86 -0.05 8.82
C THR A 106 5.41 -0.70 7.53
N ARG A 107 5.02 -0.17 6.38
CA ARG A 107 5.53 -0.69 5.11
C ARG A 107 7.05 -0.55 5.03
N GLU A 108 7.58 0.63 5.36
CA GLU A 108 9.00 0.87 5.21
C GLU A 108 9.84 0.04 6.20
N ILE A 109 9.33 -0.12 7.42
CA ILE A 109 10.04 -0.89 8.44
C ILE A 109 10.04 -2.39 8.13
N LEU A 110 8.96 -2.89 7.55
CA LEU A 110 8.79 -4.33 7.39
C LEU A 110 9.07 -4.92 6.01
N LYS A 111 9.22 -4.07 4.99
CA LYS A 111 9.30 -4.57 3.61
C LYS A 111 10.50 -5.47 3.32
N ASN A 112 11.58 -5.33 4.09
CA ASN A 112 12.71 -6.24 3.96
C ASN A 112 12.66 -7.43 4.93
N GLU A 113 11.65 -7.45 5.79
CA GLU A 113 11.45 -8.52 6.78
C GLU A 113 10.34 -9.50 6.34
N LEU A 114 9.41 -9.00 5.55
CA LEU A 114 8.22 -9.76 5.14
C LEU A 114 7.89 -9.50 3.67
N PRO A 115 7.12 -10.42 3.04
CA PRO A 115 6.68 -10.15 1.67
C PRO A 115 5.54 -9.12 1.65
N ILE A 116 5.93 -7.86 1.75
CA ILE A 116 5.00 -6.73 1.80
C ILE A 116 4.75 -6.21 0.39
N GLU A 117 5.82 -5.86 -0.31
CA GLU A 117 5.73 -5.55 -1.73
C GLU A 117 5.38 -6.83 -2.48
N PHE A 118 4.63 -6.67 -3.56
CA PHE A 118 4.34 -7.77 -4.47
C PHE A 118 5.54 -8.06 -5.36
N PRO A 119 5.56 -9.22 -6.03
CA PRO A 119 6.67 -9.55 -6.92
C PRO A 119 6.86 -8.50 -8.01
N GLY A 120 8.09 -8.32 -8.46
CA GLY A 120 8.35 -7.60 -9.71
C GLY A 120 8.94 -6.21 -9.60
N GLY A 121 9.08 -5.71 -8.38
CA GLY A 121 9.66 -4.39 -8.17
C GLY A 121 8.79 -3.25 -8.69
N LYS A 122 9.43 -2.15 -9.08
CA LYS A 122 8.73 -0.93 -9.44
C LYS A 122 8.87 -0.57 -10.90
N ILE A 123 7.92 0.24 -11.38
CA ILE A 123 7.95 0.78 -12.73
C ILE A 123 8.89 1.98 -12.74
N GLU A 124 9.99 1.85 -13.48
CA GLU A 124 11.05 2.87 -13.49
C GLU A 124 11.21 3.58 -14.82
N GLY A 125 10.64 2.99 -15.87
CA GLY A 125 10.79 3.53 -17.21
C GLY A 125 9.47 3.84 -17.89
N LEU A 126 9.57 4.24 -19.15
CA LEU A 126 8.40 4.56 -19.96
C LEU A 126 8.22 3.52 -21.07
N LYS A 127 7.55 2.42 -20.75
CA LYS A 127 7.26 1.37 -21.73
C LYS A 127 6.36 1.95 -22.82
N ILE A 128 5.38 2.72 -22.38
CA ILE A 128 4.56 3.54 -23.24
C ILE A 128 4.79 4.98 -22.83
N GLN A 129 4.50 5.92 -23.72
CA GLN A 129 4.60 7.33 -23.39
C GLN A 129 3.39 7.72 -22.52
N PRO A 130 3.52 8.82 -21.74
CA PRO A 130 2.39 9.25 -20.90
C PRO A 130 1.15 9.57 -21.73
N ARG A 131 -0.02 9.18 -21.24
CA ARG A 131 -1.29 9.36 -21.97
C ARG A 131 -1.69 10.83 -22.10
N TYR A 132 -1.17 11.67 -21.21
CA TYR A 132 -1.50 13.10 -21.20
C TYR A 132 -0.23 13.93 -21.22
N GLU A 133 -0.30 15.08 -21.89
CA GLU A 133 0.85 15.98 -21.99
C GLU A 133 1.10 16.74 -20.69
N GLU A 134 0.02 17.08 -19.99
CA GLU A 134 0.12 17.74 -18.70
C GLU A 134 0.51 16.73 -17.63
N ASP A 135 1.05 17.23 -16.53
CA ASP A 135 1.30 16.42 -15.34
C ASP A 135 0.01 15.71 -14.94
N HIS A 136 0.14 14.45 -14.51
CA HIS A 136 -1.04 13.62 -14.25
C HIS A 136 -0.69 12.32 -13.55
N ILE A 137 -1.71 11.68 -13.00
CA ILE A 137 -1.67 10.27 -12.62
C ILE A 137 -2.78 9.59 -13.43
N ASN A 138 -2.47 8.43 -14.02
CA ASN A 138 -3.46 7.71 -14.81
C ASN A 138 -3.40 6.20 -14.63
N PHE A 139 -4.41 5.65 -13.98
CA PHE A 139 -4.64 4.20 -13.95
C PHE A 139 -5.94 3.91 -14.67
N THR A 140 -5.86 3.20 -15.79
CA THR A 140 -7.03 2.87 -16.58
C THR A 140 -7.05 1.38 -16.84
N ALA A 141 -8.16 0.73 -16.47
CA ALA A 141 -8.32 -0.69 -16.65
C ALA A 141 -9.70 -1.03 -17.20
N ARG A 142 -9.71 -1.78 -18.30
CA ARG A 142 -10.93 -2.43 -18.75
C ARG A 142 -10.58 -3.83 -19.23
N TYR A 143 -11.15 -4.83 -18.56
CA TYR A 143 -10.92 -6.22 -18.91
C TYR A 143 -12.13 -7.05 -18.46
N GLY A 144 -12.83 -7.64 -19.44
CA GLY A 144 -14.08 -8.31 -19.17
C GLY A 144 -15.08 -7.31 -18.61
N SER A 145 -15.73 -7.68 -17.51
CA SER A 145 -16.68 -6.80 -16.85
C SER A 145 -16.01 -5.84 -15.85
N TRP A 146 -14.70 -5.97 -15.69
CA TRP A 146 -13.93 -5.16 -14.75
C TRP A 146 -13.44 -3.86 -15.39
N ILE A 147 -13.92 -2.73 -14.85
CA ILE A 147 -13.48 -1.42 -15.31
C ILE A 147 -13.15 -0.50 -14.13
N VAL A 148 -11.95 0.07 -14.17
CA VAL A 148 -11.50 1.05 -13.18
C VAL A 148 -10.81 2.19 -13.89
N VAL A 149 -11.24 3.42 -13.61
CA VAL A 149 -10.57 4.60 -14.12
C VAL A 149 -10.27 5.50 -12.94
N LYS A 150 -8.99 5.62 -12.62
CA LYS A 150 -8.54 6.46 -11.51
C LYS A 150 -7.44 7.37 -12.02
N ARG A 151 -7.83 8.59 -12.37
CA ARG A 151 -6.89 9.52 -12.97
C ARG A 151 -7.22 10.98 -12.66
N MET A 152 -6.20 11.83 -12.76
CA MET A 152 -6.41 13.27 -12.70
C MET A 152 -5.21 14.03 -13.25
N ILE A 153 -5.49 15.24 -13.74
CA ILE A 153 -4.47 16.19 -14.14
C ILE A 153 -3.90 16.86 -12.90
N ILE A 154 -2.60 17.09 -12.88
CA ILE A 154 -1.94 17.78 -11.78
C ILE A 154 -1.59 19.22 -12.16
N ASP A 155 -2.13 20.15 -11.38
CA ASP A 155 -1.88 21.59 -11.51
C ASP A 155 -0.99 22.07 -10.38
N GLU A 156 -0.59 23.34 -10.46
CA GLU A 156 0.12 24.01 -9.38
C GLU A 156 -0.80 24.19 -8.16
N LYS A 157 -2.11 24.11 -8.41
CA LYS A 157 -3.12 24.28 -7.36
C LYS A 157 -3.68 22.96 -6.85
N THR A 158 -3.14 21.84 -7.35
CA THR A 158 -3.55 20.52 -6.88
C THR A 158 -2.96 20.23 -5.50
N PRO A 159 -3.81 19.95 -4.50
CA PRO A 159 -3.30 19.56 -3.19
C PRO A 159 -2.50 18.27 -3.29
N LEU A 160 -1.30 18.27 -2.71
CA LEU A 160 -0.46 17.08 -2.71
C LEU A 160 -1.15 15.89 -2.05
N LEU A 161 -1.89 16.18 -0.98
CA LEU A 161 -2.63 15.14 -0.26
C LEU A 161 -3.68 14.45 -1.13
N ASP A 162 -4.17 15.17 -2.14
CA ASP A 162 -5.15 14.57 -3.05
C ASP A 162 -4.49 13.59 -4.02
N ILE A 163 -3.27 13.91 -4.42
CA ILE A 163 -2.46 12.98 -5.21
C ILE A 163 -2.18 11.74 -4.37
N ALA A 164 -1.82 11.94 -3.10
CA ALA A 164 -1.64 10.85 -2.16
C ALA A 164 -2.88 9.95 -2.09
N ARG A 165 -4.05 10.59 -2.02
CA ARG A 165 -5.32 9.86 -1.94
C ARG A 165 -5.54 8.98 -3.19
N LEU A 166 -5.32 9.56 -4.36
CA LEU A 166 -5.50 8.84 -5.62
C LEU A 166 -4.54 7.68 -5.72
N LEU A 167 -3.27 7.92 -5.35
CA LEU A 167 -2.27 6.86 -5.36
C LEU A 167 -2.65 5.73 -4.40
N ALA A 168 -3.15 6.08 -3.22
CA ALA A 168 -3.61 5.09 -2.25
C ALA A 168 -4.80 4.29 -2.78
N SER A 169 -5.72 4.98 -3.46
CA SER A 169 -6.89 4.35 -4.08
C SER A 169 -6.47 3.37 -5.18
N ILE A 170 -5.50 3.77 -5.99
CA ILE A 170 -4.97 2.90 -7.04
C ILE A 170 -4.32 1.66 -6.41
N ASN A 171 -3.57 1.86 -5.34
CA ASN A 171 -2.96 0.74 -4.64
C ASN A 171 -4.02 -0.23 -4.14
N GLU A 172 -5.12 0.30 -3.60
CA GLU A 172 -6.22 -0.53 -3.12
C GLU A 172 -6.83 -1.37 -4.24
N THR A 173 -6.99 -0.78 -5.41
CA THR A 173 -7.48 -1.53 -6.56
C THR A 173 -6.54 -2.69 -6.90
N ALA A 174 -5.25 -2.38 -6.94
CA ALA A 174 -4.26 -3.40 -7.26
C ALA A 174 -4.29 -4.55 -6.26
N VAL A 175 -4.28 -4.22 -4.98
CA VAL A 175 -4.32 -5.22 -3.90
C VAL A 175 -5.61 -6.04 -3.98
N ASN A 176 -6.73 -5.39 -4.22
CA ASN A 176 -8.02 -6.07 -4.34
C ASN A 176 -8.04 -7.05 -5.52
N LYS A 177 -7.47 -6.64 -6.65
CA LYS A 177 -7.62 -7.39 -7.88
C LYS A 177 -6.55 -8.46 -8.12
N ILE A 178 -5.37 -8.30 -7.53
CA ILE A 178 -4.31 -9.31 -7.68
C ILE A 178 -4.82 -10.70 -7.25
N LYS A 179 -5.55 -10.74 -6.14
N LYS A 179 -5.55 -10.74 -6.14
CA LYS A 179 -6.08 -12.01 -5.64
CA LYS A 179 -6.09 -12.00 -5.64
C LYS A 179 -7.14 -12.65 -6.56
C LYS A 179 -7.07 -12.66 -6.62
N ASP A 180 -7.76 -11.85 -7.42
CA ASP A 180 -8.68 -12.36 -8.44
C ASP A 180 -7.92 -12.96 -9.62
N PHE A 181 -6.94 -12.23 -10.12
CA PHE A 181 -6.16 -12.69 -11.27
C PHE A 181 -5.21 -13.83 -10.93
N ALA A 182 -4.77 -13.89 -9.68
CA ALA A 182 -3.90 -14.98 -9.23
C ALA A 182 -4.66 -16.09 -8.50
N ASP A 183 -5.99 -16.03 -8.49
CA ASP A 183 -6.84 -17.03 -7.80
C ASP A 183 -6.35 -17.32 -6.38
N VAL A 184 -6.16 -16.27 -5.60
CA VAL A 184 -5.78 -16.39 -4.19
C VAL A 184 -7.04 -16.67 -3.37
N ASP A 185 -7.04 -17.77 -2.62
CA ASP A 185 -8.15 -18.09 -1.72
C ASP A 185 -7.99 -17.29 -0.43
N ASP A 186 -8.45 -16.05 -0.47
CA ASP A 186 -8.29 -15.14 0.66
C ASP A 186 -9.15 -15.54 1.86
N LYS A 187 -10.26 -16.20 1.59
CA LYS A 187 -11.12 -16.71 2.66
C LYS A 187 -10.37 -17.74 3.51
N LYS A 188 -9.65 -18.65 2.83
CA LYS A 188 -8.83 -19.65 3.51
C LYS A 188 -7.74 -19.00 4.35
N ILE A 189 -7.14 -17.94 3.80
CA ILE A 189 -6.10 -17.19 4.51
C ILE A 189 -6.65 -16.54 5.78
N VAL A 190 -7.85 -15.96 5.67
CA VAL A 190 -8.48 -15.36 6.85
C VAL A 190 -8.68 -16.43 7.92
N GLU A 191 -9.20 -17.57 7.53
CA GLU A 191 -9.48 -18.64 8.49
C GLU A 191 -8.21 -19.24 9.09
N TYR A 192 -7.14 -19.29 8.30
CA TYR A 192 -5.85 -19.76 8.77
C TYR A 192 -5.36 -19.00 10.02
N PHE A 193 -5.60 -17.69 10.05
CA PHE A 193 -5.18 -16.85 11.17
C PHE A 193 -6.28 -16.64 12.23
N GLY A 194 -7.37 -17.39 12.10
CA GLY A 194 -8.57 -17.19 12.95
C GLY A 194 -8.40 -17.41 14.44
N GLY A 195 -7.31 -18.04 14.85
CA GLY A 195 -7.01 -18.27 16.26
C GLY A 195 -6.38 -17.09 16.99
N PHE A 196 -6.24 -15.97 16.28
CA PHE A 196 -5.66 -14.74 16.82
C PHE A 196 -6.59 -13.55 16.66
N LYS A 197 -6.61 -12.68 17.66
CA LYS A 197 -7.39 -11.44 17.62
C LYS A 197 -6.74 -10.41 18.55
N LYS A 198 -6.59 -9.18 18.06
CA LYS A 198 -6.02 -8.07 18.83
C LYS A 198 -4.72 -8.48 19.56
N VAL A 199 -3.76 -8.93 18.77
CA VAL A 199 -2.48 -9.44 19.27
C VAL A 199 -1.60 -8.32 19.81
N LYS A 200 -1.21 -8.43 21.08
CA LYS A 200 -0.44 -7.39 21.77
C LYS A 200 0.83 -7.91 22.46
N LYS A 201 0.73 -9.10 23.05
CA LYS A 201 1.82 -9.67 23.84
C LYS A 201 2.94 -10.25 22.98
N GLU A 202 4.18 -10.14 23.45
CA GLU A 202 5.36 -10.67 22.78
C GLU A 202 5.23 -12.16 22.44
N GLU A 203 4.69 -12.93 23.40
CA GLU A 203 4.51 -14.37 23.21
C GLU A 203 3.59 -14.68 22.03
N GLU A 204 2.50 -13.92 21.91
CA GLU A 204 1.52 -14.12 20.85
C GLU A 204 2.01 -13.62 19.49
N ILE A 205 2.77 -12.53 19.50
CA ILE A 205 3.45 -12.04 18.30
C ILE A 205 4.38 -13.12 17.73
N LYS A 206 5.17 -13.75 18.62
CA LYS A 206 6.04 -14.85 18.24
C LYS A 206 5.23 -15.98 17.59
N GLU A 207 4.12 -16.36 18.21
CA GLU A 207 3.27 -17.43 17.70
C GLU A 207 2.67 -17.11 16.32
N ILE A 208 2.20 -15.89 16.14
CA ILE A 208 1.55 -15.56 14.87
C ILE A 208 2.54 -15.41 13.72
N VAL A 209 3.74 -14.92 14.02
CA VAL A 209 4.81 -14.86 13.02
C VAL A 209 5.20 -16.27 12.58
N GLN A 210 5.33 -17.18 13.55
CA GLN A 210 5.63 -18.56 13.25
C GLN A 210 4.55 -19.20 12.37
N LEU A 211 3.29 -18.94 12.71
CA LEU A 211 2.19 -19.44 11.91
C LEU A 211 2.25 -18.90 10.48
N PHE A 212 2.56 -17.61 10.35
CA PHE A 212 2.77 -17.05 9.03
C PHE A 212 3.89 -17.76 8.26
N ARG A 213 5.01 -18.01 8.94
CA ARG A 213 6.15 -18.66 8.28
C ARG A 213 5.83 -20.07 7.80
N GLU A 214 4.90 -20.74 8.49
CA GLU A 214 4.49 -22.08 8.13
C GLU A 214 3.42 -22.12 7.04
N PHE A 215 2.94 -20.94 6.63
CA PHE A 215 1.90 -20.87 5.60
C PHE A 215 2.44 -21.30 4.26
N LYS A 216 1.82 -22.32 3.70
CA LYS A 216 2.23 -22.86 2.42
C LYS A 216 1.41 -22.19 1.34
N GLY A 217 2.10 -21.43 0.49
CA GLY A 217 1.47 -20.72 -0.59
C GLY A 217 2.48 -20.18 -1.58
N ASN A 218 2.00 -19.81 -2.76
CA ASN A 218 2.87 -19.23 -3.78
C ASN A 218 3.19 -17.77 -3.54
N GLU A 219 3.91 -17.16 -4.48
CA GLU A 219 4.42 -15.80 -4.31
C GLU A 219 3.33 -14.77 -4.06
N PHE A 220 2.14 -14.97 -4.64
CA PHE A 220 1.05 -14.01 -4.42
C PHE A 220 0.31 -14.27 -3.12
N GLU A 221 0.02 -15.53 -2.86
CA GLU A 221 -0.69 -15.93 -1.64
C GLU A 221 0.01 -15.48 -0.35
N VAL A 222 1.34 -15.49 -0.34
CA VAL A 222 2.11 -15.07 0.85
C VAL A 222 1.98 -13.58 1.17
N ARG A 223 1.79 -12.74 0.15
CA ARG A 223 1.55 -11.31 0.38
C ARG A 223 0.26 -11.07 1.14
N TYR A 224 -0.75 -11.91 0.88
CA TYR A 224 -2.02 -11.78 1.58
C TYR A 224 -1.96 -12.39 2.96
N ALA A 225 -1.20 -13.47 3.10
CA ALA A 225 -0.96 -14.06 4.41
C ALA A 225 -0.23 -13.08 5.31
N ALA A 226 0.78 -12.38 4.77
CA ALA A 226 1.47 -11.36 5.55
C ALA A 226 0.53 -10.25 5.99
N ARG A 227 -0.31 -9.77 5.06
CA ARG A 227 -1.28 -8.73 5.38
C ARG A 227 -2.27 -9.18 6.45
N GLU A 228 -2.76 -10.42 6.32
CA GLU A 228 -3.69 -10.96 7.31
C GLU A 228 -3.04 -11.08 8.69
N MET A 229 -1.81 -11.57 8.73
N MET A 229 -1.82 -11.58 8.75
CA MET A 229 -1.07 -11.69 10.00
CA MET A 229 -1.11 -11.67 10.02
C MET A 229 -0.93 -10.31 10.67
C MET A 229 -1.01 -10.29 10.65
N LEU A 230 -0.52 -9.32 9.88
CA LEU A 230 -0.38 -7.95 10.37
C LEU A 230 -1.70 -7.33 10.85
N SER A 231 -2.80 -7.67 10.18
CA SER A 231 -4.12 -7.14 10.56
C SER A 231 -4.51 -7.53 11.99
N LYS A 232 -4.03 -8.69 12.44
CA LYS A 232 -4.35 -9.19 13.78
C LYS A 232 -3.68 -8.34 14.86
N LEU A 233 -2.63 -7.62 14.48
CA LEU A 233 -1.94 -6.67 15.36
C LEU A 233 -2.44 -5.25 15.18
N GLY A 234 -3.40 -5.06 14.26
CA GLY A 234 -3.91 -3.73 13.92
C GLY A 234 -2.96 -2.96 13.04
N LEU A 235 -2.09 -3.68 12.34
CA LEU A 235 -1.12 -3.04 11.46
C LEU A 235 -1.53 -3.14 10.00
N LYS A 236 -1.20 -2.11 9.22
CA LYS A 236 -1.50 -2.06 7.80
C LYS A 236 -0.25 -1.69 7.02
N VAL A 237 -0.14 -2.21 5.80
CA VAL A 237 0.96 -1.84 4.91
C VAL A 237 0.47 -1.16 3.64
N ASP A 238 -0.85 -1.07 3.50
CA ASP A 238 -1.49 -0.34 2.40
C ASP A 238 -2.19 0.89 3.01
N VAL A 239 -1.81 2.08 2.54
CA VAL A 239 -2.40 3.34 3.04
C VAL A 239 -3.91 3.37 2.79
N PRO A 240 -4.72 3.59 3.85
CA PRO A 240 -6.17 3.65 3.66
C PRO A 240 -6.60 4.97 3.00
N SER A 241 -7.00 4.88 1.73
CA SER A 241 -7.36 6.07 0.96
C SER A 241 -8.54 6.81 1.60
N LYS A 242 -9.45 6.05 2.22
CA LYS A 242 -10.64 6.65 2.84
C LYS A 242 -10.28 7.66 3.92
N ASN A 243 -9.16 7.43 4.63
CA ASN A 243 -8.72 8.38 5.65
C ASN A 243 -8.38 9.74 5.03
N LEU A 244 -7.75 9.70 3.87
CA LEU A 244 -7.36 10.92 3.17
C LEU A 244 -8.57 11.59 2.53
N GLU A 245 -9.49 10.76 2.03
CA GLU A 245 -10.76 11.21 1.49
C GLU A 245 -11.55 11.99 2.55
N LYS A 246 -11.66 11.41 3.75
CA LYS A 246 -12.39 12.03 4.85
C LYS A 246 -11.73 13.33 5.33
N TYR A 247 -10.39 13.36 5.35
CA TYR A 247 -9.69 14.59 5.69
C TYR A 247 -10.00 15.72 4.69
N LEU A 248 -9.93 15.39 3.39
CA LEU A 248 -10.10 16.37 2.33
C LEU A 248 -11.53 16.90 2.20
N GLU A 249 -12.50 16.14 2.71
CA GLU A 249 -13.89 16.59 2.74
C GLU A 249 -14.05 17.83 3.62
C1 MPD B . -5.78 -9.65 4.02
C2 MPD B . -6.80 -10.51 3.29
O2 MPD B . -6.68 -10.30 1.88
CM MPD B . -6.55 -11.99 3.62
C3 MPD B . -8.22 -10.09 3.75
C4 MPD B . -9.36 -10.75 2.94
O4 MPD B . -10.58 -10.61 3.68
C5 MPD B . -9.50 -10.10 1.57
#